data_1LGT
#
_entry.id   1LGT
#
_cell.length_a   122.337
_cell.length_b   122.337
_cell.length_c   106.947
_cell.angle_alpha   90.00
_cell.angle_beta   90.00
_cell.angle_gamma   90.00
#
_symmetry.space_group_name_H-M   'I 4 2 2'
#
loop_
_entity.id
_entity.type
_entity.pdbx_description
1 polymer 'BIPHENYL-2,3-DIOL 1,2-DIOXYGENASE'
2 non-polymer 'FE (II) ION'
3 non-polymer "2'-CHLORO-BIPHENYL-2,3-DIOL"
4 water water
#
_entity_poly.entity_id   1
_entity_poly.type   'polypeptide(L)'
_entity_poly.pdbx_seq_one_letter_code
;SIRSLGYMGFAVSDVAAWRSFLTQKLGLMEAGTTDNGDLFRIDSRAWRIAVQQGEVDDLAFAGYEVADAAGLAQMADKLK
QAGIAVTTGDASLARRRGVTGLITFADPFGLPLEIYYGASEVFEKPFLPGAAVSGFLTGEQGLGHFVRCVPDSDKALAFY
TDVLGFQLSDVIDMKMGPDVTVPAYFLHCNERHHTLAIAAFPLPKRIHHFMLEVASLDDVGFAFDRVDADGLITSTLGRH
TNDHMVSFYASTPSGVEVEYGWSARTVDRSWVVVRHDSPSMWGHKSVRDKAAARNKA
;
_entity_poly.pdbx_strand_id   A
#
# COMPACT_ATOMS: atom_id res chain seq x y z
N SER A 1 -6.60 12.09 -13.38
CA SER A 1 -5.45 11.18 -13.08
C SER A 1 -5.53 10.66 -11.66
N ILE A 2 -4.94 9.49 -11.42
CA ILE A 2 -4.93 8.92 -10.08
C ILE A 2 -4.10 9.82 -9.19
N ARG A 3 -4.64 10.16 -8.02
CA ARG A 3 -3.96 11.04 -7.10
C ARG A 3 -3.23 10.33 -5.98
N SER A 4 -3.68 9.14 -5.60
CA SER A 4 -3.02 8.39 -4.53
C SER A 4 -3.67 7.04 -4.29
N LEU A 5 -3.01 6.24 -3.46
CA LEU A 5 -3.55 4.94 -3.04
C LEU A 5 -4.45 5.36 -1.88
N GLY A 6 -5.74 5.02 -1.96
CA GLY A 6 -6.67 5.42 -0.93
C GLY A 6 -7.02 4.41 0.12
N TYR A 7 -7.12 3.14 -0.26
CA TYR A 7 -7.45 2.10 0.70
C TYR A 7 -7.05 0.71 0.22
N MET A 8 -7.05 -0.24 1.14
CA MET A 8 -6.71 -1.62 0.83
C MET A 8 -7.60 -2.55 1.63
N GLY A 9 -7.92 -3.70 1.04
CA GLY A 9 -8.73 -4.68 1.73
C GLY A 9 -7.98 -5.99 1.75
N PHE A 10 -7.99 -6.67 2.89
CA PHE A 10 -7.31 -7.95 3.03
C PHE A 10 -8.34 -9.02 3.38
N ALA A 11 -8.15 -10.22 2.83
CA ALA A 11 -9.03 -11.36 3.12
C ALA A 11 -8.11 -12.30 3.90
N VAL A 12 -8.41 -12.49 5.18
CA VAL A 12 -7.55 -13.29 6.05
C VAL A 12 -8.23 -14.45 6.76
N SER A 13 -7.45 -15.44 7.15
CA SER A 13 -7.98 -16.61 7.84
C SER A 13 -8.16 -16.39 9.34
N ASP A 14 -7.39 -15.45 9.91
CA ASP A 14 -7.48 -15.14 11.33
C ASP A 14 -7.77 -13.65 11.52
N VAL A 15 -9.04 -13.29 11.47
CA VAL A 15 -9.47 -11.90 11.62
C VAL A 15 -9.10 -11.30 12.98
N ALA A 16 -9.20 -12.10 14.04
CA ALA A 16 -8.87 -11.62 15.37
C ALA A 16 -7.38 -11.32 15.50
N ALA A 17 -6.55 -12.13 14.86
CA ALA A 17 -5.10 -11.91 14.91
C ALA A 17 -4.75 -10.62 14.18
N TRP A 18 -5.42 -10.37 13.06
CA TRP A 18 -5.17 -9.14 12.30
C TRP A 18 -5.62 -7.92 13.09
N ARG A 19 -6.75 -8.03 13.77
CA ARG A 19 -7.27 -6.92 14.58
C ARG A 19 -6.26 -6.54 15.66
N SER A 20 -5.74 -7.55 16.35
CA SER A 20 -4.76 -7.32 17.41
C SER A 20 -3.46 -6.74 16.84
N PHE A 21 -3.00 -7.31 15.73
CA PHE A 21 -1.77 -6.87 15.09
C PHE A 21 -1.83 -5.41 14.65
N LEU A 22 -2.89 -5.05 13.93
CA LEU A 22 -3.02 -3.68 13.44
C LEU A 22 -3.16 -2.64 14.54
N THR A 23 -3.92 -2.95 15.58
CA THR A 23 -4.14 -1.99 16.66
C THR A 23 -3.05 -1.95 17.74
N GLN A 24 -2.78 -3.10 18.36
CA GLN A 24 -1.79 -3.19 19.43
C GLN A 24 -0.34 -3.07 18.96
N LYS A 25 -0.04 -3.63 17.79
CA LYS A 25 1.32 -3.58 17.27
C LYS A 25 1.61 -2.33 16.44
N LEU A 26 0.81 -2.09 15.41
CA LEU A 26 1.03 -0.95 14.52
C LEU A 26 0.39 0.37 14.93
N GLY A 27 -0.62 0.31 15.81
CA GLY A 27 -1.25 1.55 16.26
C GLY A 27 -2.42 2.06 15.45
N LEU A 28 -3.00 1.25 14.58
CA LEU A 28 -4.15 1.72 13.83
C LEU A 28 -5.34 1.81 14.77
N MET A 29 -6.37 2.52 14.35
CA MET A 29 -7.57 2.72 15.15
C MET A 29 -8.72 1.84 14.67
N GLU A 30 -9.33 1.09 15.58
CA GLU A 30 -10.48 0.26 15.23
C GLU A 30 -11.60 1.23 14.86
N ALA A 31 -12.19 1.05 13.69
CA ALA A 31 -13.24 1.95 13.23
C ALA A 31 -14.58 1.27 12.94
N GLY A 32 -14.88 0.23 13.70
CA GLY A 32 -16.14 -0.47 13.51
C GLY A 32 -16.15 -1.60 12.51
N THR A 33 -17.29 -2.28 12.44
CA THR A 33 -17.45 -3.40 11.51
C THR A 33 -18.71 -3.21 10.68
N THR A 34 -18.56 -3.33 9.37
CA THR A 34 -19.68 -3.19 8.45
C THR A 34 -19.61 -4.32 7.43
N ASP A 35 -20.44 -4.23 6.40
CA ASP A 35 -20.45 -5.24 5.35
C ASP A 35 -19.14 -5.16 4.57
N ASN A 36 -18.31 -4.17 4.92
CA ASN A 36 -17.03 -3.98 4.27
C ASN A 36 -15.94 -4.69 5.08
N GLY A 37 -16.36 -5.34 6.17
CA GLY A 37 -15.43 -6.05 7.02
C GLY A 37 -15.05 -5.21 8.22
N ASP A 38 -14.02 -5.61 8.96
CA ASP A 38 -13.58 -4.82 10.10
C ASP A 38 -12.78 -3.67 9.50
N LEU A 39 -13.07 -2.46 9.95
CA LEU A 39 -12.40 -1.27 9.43
C LEU A 39 -11.33 -0.71 10.36
N PHE A 40 -10.26 -0.19 9.77
CA PHE A 40 -9.18 0.40 10.55
C PHE A 40 -8.76 1.73 9.96
N ARG A 41 -8.45 2.68 10.84
CA ARG A 41 -8.07 4.03 10.42
C ARG A 41 -6.65 4.41 10.83
N ILE A 42 -6.10 5.41 10.13
CA ILE A 42 -4.78 5.93 10.43
C ILE A 42 -4.86 7.46 10.36
N ASP A 43 -6.01 7.97 9.90
CA ASP A 43 -6.19 9.42 9.81
C ASP A 43 -7.68 9.83 9.84
N SER A 44 -7.99 10.96 9.21
CA SER A 44 -9.37 11.46 9.21
C SER A 44 -10.36 10.64 8.36
N ARG A 45 -9.86 9.82 7.45
CA ARG A 45 -10.74 9.01 6.60
C ARG A 45 -11.48 7.97 7.43
N ALA A 46 -12.71 7.66 7.03
CA ALA A 46 -13.54 6.68 7.74
C ALA A 46 -12.86 5.33 7.87
N TRP A 47 -11.97 5.02 6.91
CA TRP A 47 -11.21 3.77 6.94
C TRP A 47 -10.16 3.79 5.85
N ARG A 48 -9.06 3.08 6.09
CA ARG A 48 -7.97 2.97 5.11
C ARG A 48 -7.69 1.50 4.84
N ILE A 49 -7.87 0.66 5.86
CA ILE A 49 -7.66 -0.78 5.72
C ILE A 49 -8.86 -1.57 6.22
N ALA A 50 -9.30 -2.53 5.41
CA ALA A 50 -10.42 -3.37 5.77
C ALA A 50 -9.93 -4.80 5.87
N VAL A 51 -10.45 -5.55 6.83
CA VAL A 51 -10.07 -6.94 6.99
C VAL A 51 -11.33 -7.79 6.97
N GLN A 52 -11.39 -8.70 6.01
CA GLN A 52 -12.54 -9.59 5.85
C GLN A 52 -12.08 -11.03 6.04
N GLN A 53 -13.02 -11.90 6.41
CA GLN A 53 -12.71 -13.31 6.61
C GLN A 53 -12.54 -13.95 5.23
N GLY A 54 -11.42 -14.67 5.05
CA GLY A 54 -11.15 -15.32 3.77
C GLY A 54 -9.92 -16.20 3.87
N GLU A 55 -9.95 -17.36 3.23
CA GLU A 55 -8.83 -18.28 3.29
C GLU A 55 -7.62 -17.90 2.43
N VAL A 56 -7.74 -16.84 1.64
CA VAL A 56 -6.62 -16.44 0.79
C VAL A 56 -5.43 -15.84 1.53
N ASP A 57 -5.69 -15.17 2.65
CA ASP A 57 -4.61 -14.54 3.42
C ASP A 57 -3.72 -13.70 2.51
N ASP A 58 -4.31 -12.69 1.89
CA ASP A 58 -3.56 -11.84 0.95
C ASP A 58 -4.36 -10.57 0.70
N LEU A 59 -3.81 -9.68 -0.11
CA LEU A 59 -4.49 -8.45 -0.46
C LEU A 59 -5.69 -8.86 -1.33
N ALA A 60 -6.88 -8.39 -0.97
CA ALA A 60 -8.10 -8.73 -1.71
C ALA A 60 -8.45 -7.68 -2.76
N PHE A 61 -8.11 -6.44 -2.48
CA PHE A 61 -8.37 -5.35 -3.42
C PHE A 61 -7.67 -4.08 -2.95
N ALA A 62 -7.47 -3.16 -3.90
CA ALA A 62 -6.84 -1.89 -3.58
C ALA A 62 -7.61 -0.80 -4.31
N GLY A 63 -7.76 0.35 -3.67
CA GLY A 63 -8.48 1.44 -4.29
C GLY A 63 -7.63 2.68 -4.49
N TYR A 64 -7.61 3.17 -5.72
CA TYR A 64 -6.86 4.38 -6.06
C TYR A 64 -7.84 5.53 -6.15
N GLU A 65 -7.44 6.66 -5.60
CA GLU A 65 -8.29 7.85 -5.53
C GLU A 65 -8.04 8.87 -6.65
N VAL A 66 -9.13 9.37 -7.23
CA VAL A 66 -9.04 10.42 -8.24
C VAL A 66 -9.64 11.66 -7.58
N ALA A 67 -9.44 12.83 -8.17
CA ALA A 67 -9.92 14.08 -7.57
C ALA A 67 -11.43 14.32 -7.58
N ASP A 68 -12.12 13.86 -8.62
CA ASP A 68 -13.55 14.09 -8.73
C ASP A 68 -14.20 13.17 -9.75
N ALA A 69 -15.50 13.39 -9.99
CA ALA A 69 -16.24 12.58 -10.95
C ALA A 69 -15.64 12.62 -12.34
N ALA A 70 -15.21 13.81 -12.78
CA ALA A 70 -14.60 13.97 -14.09
C ALA A 70 -13.35 13.12 -14.21
N GLY A 71 -12.57 13.06 -13.13
CA GLY A 71 -11.36 12.27 -13.13
C GLY A 71 -11.65 10.78 -13.22
N LEU A 72 -12.74 10.35 -12.59
CA LEU A 72 -13.14 8.96 -12.62
C LEU A 72 -13.56 8.58 -14.04
N ALA A 73 -14.31 9.48 -14.67
CA ALA A 73 -14.78 9.26 -16.04
C ALA A 73 -13.62 9.16 -17.02
N GLN A 74 -12.61 9.99 -16.81
CA GLN A 74 -11.44 9.99 -17.69
C GLN A 74 -10.66 8.68 -17.56
N MET A 75 -10.48 8.21 -16.33
CA MET A 75 -9.76 6.96 -16.10
C MET A 75 -10.56 5.78 -16.68
N ALA A 76 -11.87 5.83 -16.57
CA ALA A 76 -12.72 4.76 -17.09
C ALA A 76 -12.52 4.65 -18.61
N ASP A 77 -12.50 5.80 -19.27
CA ASP A 77 -12.32 5.84 -20.72
C ASP A 77 -10.96 5.31 -21.14
N LYS A 78 -9.93 5.68 -20.38
CA LYS A 78 -8.57 5.23 -20.69
C LYS A 78 -8.47 3.72 -20.57
N LEU A 79 -9.06 3.15 -19.53
CA LEU A 79 -9.04 1.72 -19.31
C LEU A 79 -9.78 0.98 -20.42
N LYS A 80 -10.95 1.49 -20.81
CA LYS A 80 -11.73 0.86 -21.88
C LYS A 80 -10.97 0.92 -23.20
N GLN A 81 -10.40 2.08 -23.49
CA GLN A 81 -9.65 2.26 -24.73
C GLN A 81 -8.45 1.31 -24.77
N ALA A 82 -7.98 0.91 -23.59
CA ALA A 82 -6.85 0.00 -23.49
C ALA A 82 -7.31 -1.45 -23.56
N GLY A 83 -8.62 -1.65 -23.67
CA GLY A 83 -9.17 -2.99 -23.75
C GLY A 83 -9.44 -3.69 -22.43
N ILE A 84 -9.42 -2.95 -21.33
CA ILE A 84 -9.68 -3.55 -20.03
C ILE A 84 -11.18 -3.55 -19.72
N ALA A 85 -11.65 -4.65 -19.13
CA ALA A 85 -13.05 -4.79 -18.77
C ALA A 85 -13.31 -3.96 -17.52
N VAL A 86 -14.07 -2.88 -17.68
CA VAL A 86 -14.39 -1.98 -16.58
C VAL A 86 -15.86 -2.08 -16.18
N THR A 87 -16.12 -2.11 -14.88
CA THR A 87 -17.47 -2.21 -14.35
C THR A 87 -17.77 -1.04 -13.41
N THR A 88 -18.93 -0.41 -13.59
CA THR A 88 -19.32 0.69 -12.73
C THR A 88 -19.74 0.11 -11.39
N GLY A 89 -19.16 0.62 -10.29
CA GLY A 89 -19.53 0.12 -8.99
C GLY A 89 -20.98 0.45 -8.70
N ASP A 90 -21.77 -0.55 -8.29
CA ASP A 90 -23.17 -0.29 -8.00
C ASP A 90 -23.32 0.48 -6.69
N ALA A 91 -24.51 1.00 -6.45
CA ALA A 91 -24.80 1.76 -5.24
C ALA A 91 -24.43 0.98 -3.98
N SER A 92 -24.64 -0.33 -4.02
CA SER A 92 -24.34 -1.18 -2.88
C SER A 92 -22.84 -1.18 -2.56
N LEU A 93 -22.02 -1.28 -3.59
CA LEU A 93 -20.56 -1.29 -3.39
C LEU A 93 -20.06 0.07 -2.94
N ALA A 94 -20.56 1.13 -3.56
CA ALA A 94 -20.15 2.49 -3.19
C ALA A 94 -20.44 2.74 -1.71
N ARG A 95 -21.61 2.33 -1.26
CA ARG A 95 -21.97 2.52 0.15
C ARG A 95 -21.05 1.70 1.04
N ARG A 96 -20.70 0.50 0.57
CA ARG A 96 -19.82 -0.39 1.33
C ARG A 96 -18.44 0.24 1.53
N ARG A 97 -17.94 0.89 0.47
CA ARG A 97 -16.64 1.55 0.52
C ARG A 97 -16.73 2.96 1.07
N GLY A 98 -17.96 3.47 1.20
CA GLY A 98 -18.14 4.82 1.70
C GLY A 98 -17.68 5.88 0.71
N VAL A 99 -17.74 5.57 -0.58
CA VAL A 99 -17.35 6.52 -1.60
C VAL A 99 -18.53 6.99 -2.42
N THR A 100 -18.34 8.06 -3.18
CA THR A 100 -19.40 8.64 -3.99
C THR A 100 -19.59 7.90 -5.31
N GLY A 101 -18.48 7.48 -5.91
CA GLY A 101 -18.55 6.76 -7.17
C GLY A 101 -17.27 5.98 -7.37
N LEU A 102 -17.35 4.86 -8.08
CA LEU A 102 -16.15 4.06 -8.34
C LEU A 102 -16.35 3.10 -9.50
N ILE A 103 -15.24 2.63 -10.05
CA ILE A 103 -15.25 1.66 -11.14
C ILE A 103 -14.35 0.53 -10.67
N THR A 104 -14.61 -0.68 -11.18
CA THR A 104 -13.81 -1.83 -10.79
C THR A 104 -13.25 -2.57 -12.00
N PHE A 105 -12.09 -3.17 -11.82
CA PHE A 105 -11.41 -3.92 -12.87
C PHE A 105 -10.26 -4.67 -12.22
N ALA A 106 -9.50 -5.42 -13.02
CA ALA A 106 -8.38 -6.18 -12.49
C ALA A 106 -7.10 -5.85 -13.25
N ASP A 107 -5.95 -5.96 -12.58
CA ASP A 107 -4.71 -5.68 -13.29
C ASP A 107 -4.38 -6.93 -14.10
N PRO A 108 -3.35 -6.86 -14.96
CA PRO A 108 -2.97 -7.99 -15.81
C PRO A 108 -2.85 -9.36 -15.14
N PHE A 109 -2.56 -9.38 -13.85
CA PHE A 109 -2.39 -10.66 -13.18
C PHE A 109 -3.44 -10.99 -12.12
N GLY A 110 -4.64 -10.43 -12.29
CA GLY A 110 -5.73 -10.74 -11.39
C GLY A 110 -6.00 -9.95 -10.13
N LEU A 111 -5.18 -8.97 -9.79
CA LEU A 111 -5.45 -8.19 -8.57
C LEU A 111 -6.67 -7.30 -8.79
N PRO A 112 -7.72 -7.45 -7.98
CA PRO A 112 -8.91 -6.61 -8.14
C PRO A 112 -8.55 -5.17 -7.75
N LEU A 113 -8.83 -4.24 -8.64
CA LEU A 113 -8.53 -2.83 -8.39
C LEU A 113 -9.80 -1.99 -8.51
N GLU A 114 -9.77 -0.85 -7.83
CA GLU A 114 -10.90 0.07 -7.86
C GLU A 114 -10.33 1.49 -7.93
N ILE A 115 -11.03 2.35 -8.66
CA ILE A 115 -10.66 3.75 -8.76
C ILE A 115 -11.94 4.44 -8.31
N TYR A 116 -11.81 5.34 -7.34
CA TYR A 116 -12.98 6.01 -6.78
C TYR A 116 -12.75 7.50 -6.54
N TYR A 117 -13.82 8.21 -6.19
CA TYR A 117 -13.72 9.60 -5.84
C TYR A 117 -14.74 9.85 -4.74
N GLY A 118 -14.53 10.91 -3.97
CA GLY A 118 -15.45 11.27 -2.90
C GLY A 118 -15.58 10.33 -1.71
N ALA A 119 -14.45 9.94 -1.12
CA ALA A 119 -14.45 9.07 0.04
C ALA A 119 -14.96 9.83 1.26
N SER A 120 -15.28 9.08 2.31
CA SER A 120 -15.82 9.65 3.54
C SER A 120 -14.81 10.08 4.60
N GLU A 121 -14.97 11.32 5.08
CA GLU A 121 -14.12 11.86 6.13
C GLU A 121 -14.92 11.77 7.43
N VAL A 122 -14.23 11.59 8.55
CA VAL A 122 -14.90 11.53 9.85
C VAL A 122 -14.14 12.33 10.90
N PHE A 123 -13.96 13.62 10.61
CA PHE A 123 -13.27 14.51 11.52
C PHE A 123 -13.98 14.57 12.87
N GLU A 124 -15.29 14.34 12.87
CA GLU A 124 -16.08 14.37 14.11
C GLU A 124 -15.79 13.18 15.02
N LYS A 125 -15.01 12.22 14.52
CA LYS A 125 -14.61 11.04 15.30
C LYS A 125 -13.09 11.11 15.24
N PRO A 126 -12.49 12.04 15.99
CA PRO A 126 -11.04 12.22 16.02
C PRO A 126 -10.20 10.96 16.17
N PHE A 127 -9.21 10.85 15.29
CA PHE A 127 -8.30 9.71 15.28
C PHE A 127 -7.61 9.49 16.63
N LEU A 128 -7.64 8.26 17.10
CA LEU A 128 -7.00 7.87 18.35
C LEU A 128 -6.30 6.55 18.04
N PRO A 129 -4.96 6.56 17.98
CA PRO A 129 -4.24 5.31 17.68
C PRO A 129 -4.42 4.22 18.72
N GLY A 130 -4.33 2.98 18.26
CA GLY A 130 -4.48 1.83 19.14
C GLY A 130 -3.24 1.55 19.96
N ALA A 131 -2.17 2.27 19.64
CA ALA A 131 -0.89 2.15 20.32
C ALA A 131 -0.26 3.53 20.31
N ALA A 132 0.82 3.71 21.06
CA ALA A 132 1.47 5.01 21.13
C ALA A 132 2.16 5.41 19.82
N VAL A 133 1.44 6.15 18.99
CA VAL A 133 1.93 6.62 17.69
C VAL A 133 1.57 8.11 17.59
N SER A 134 2.57 8.95 17.37
CA SER A 134 2.33 10.40 17.28
C SER A 134 1.48 10.77 16.08
N GLY A 135 1.48 9.91 15.06
CA GLY A 135 0.68 10.18 13.88
C GLY A 135 1.18 9.45 12.64
N PHE A 136 0.29 9.30 11.66
CA PHE A 136 0.64 8.65 10.41
C PHE A 136 0.72 9.73 9.34
N LEU A 137 1.58 9.53 8.35
CA LEU A 137 1.72 10.51 7.28
C LEU A 137 0.89 10.09 6.08
N THR A 138 -0.13 10.88 5.77
CA THR A 138 -0.99 10.60 4.63
C THR A 138 -1.18 11.87 3.79
N GLY A 139 -2.32 12.53 3.95
CA GLY A 139 -2.55 13.74 3.17
C GLY A 139 -2.49 13.50 1.68
N GLU A 140 -1.85 14.41 0.95
CA GLU A 140 -1.73 14.30 -0.50
C GLU A 140 -0.91 13.09 -0.95
N GLN A 141 -0.24 12.44 -0.01
CA GLN A 141 0.57 11.28 -0.34
C GLN A 141 -0.18 9.96 -0.18
N GLY A 142 -1.44 10.05 0.23
CA GLY A 142 -2.22 8.83 0.38
C GLY A 142 -1.79 7.93 1.52
N LEU A 143 -2.30 6.70 1.47
CA LEU A 143 -2.07 5.67 2.47
C LEU A 143 -0.65 5.19 2.72
N GLY A 144 0.11 5.04 1.63
CA GLY A 144 1.47 4.54 1.73
C GLY A 144 1.75 3.82 0.43
N HIS A 145 2.35 2.62 0.49
CA HIS A 145 2.62 1.87 -0.73
C HIS A 145 2.57 0.37 -0.52
N PHE A 146 2.57 -0.37 -1.62
CA PHE A 146 2.64 -1.82 -1.55
C PHE A 146 3.43 -2.31 -2.74
N VAL A 147 4.04 -3.48 -2.59
CA VAL A 147 4.86 -4.05 -3.65
C VAL A 147 4.14 -5.21 -4.29
N ARG A 148 3.79 -5.03 -5.55
CA ARG A 148 3.08 -6.03 -6.33
C ARG A 148 4.05 -7.07 -6.88
N CYS A 149 3.78 -8.34 -6.57
CA CYS A 149 4.60 -9.44 -7.05
C CYS A 149 3.95 -9.92 -8.34
N VAL A 150 4.74 -10.04 -9.40
CA VAL A 150 4.20 -10.49 -10.69
C VAL A 150 5.18 -11.45 -11.39
N PRO A 151 4.69 -12.22 -12.36
CA PRO A 151 5.57 -13.14 -13.07
C PRO A 151 6.28 -12.47 -14.26
N ASP A 152 5.77 -11.32 -14.68
CA ASP A 152 6.31 -10.58 -15.82
C ASP A 152 6.28 -9.09 -15.47
N SER A 153 7.39 -8.57 -14.95
CA SER A 153 7.45 -7.17 -14.57
C SER A 153 7.32 -6.19 -15.73
N ASP A 154 7.74 -6.59 -16.93
CA ASP A 154 7.63 -5.71 -18.09
C ASP A 154 6.16 -5.46 -18.44
N LYS A 155 5.36 -6.52 -18.36
CA LYS A 155 3.94 -6.43 -18.66
C LYS A 155 3.21 -5.61 -17.60
N ALA A 156 3.56 -5.84 -16.33
CA ALA A 156 2.94 -5.11 -15.23
C ALA A 156 3.32 -3.63 -15.30
N LEU A 157 4.60 -3.36 -15.57
CA LEU A 157 5.08 -1.99 -15.66
C LEU A 157 4.33 -1.23 -16.75
N ALA A 158 4.13 -1.88 -17.89
CA ALA A 158 3.43 -1.26 -19.01
C ALA A 158 1.99 -0.89 -18.66
N PHE A 159 1.32 -1.77 -17.91
CA PHE A 159 -0.07 -1.51 -17.52
C PHE A 159 -0.16 -0.34 -16.55
N TYR A 160 0.60 -0.42 -15.46
CA TYR A 160 0.56 0.64 -14.46
C TYR A 160 1.04 2.00 -14.95
N THR A 161 1.98 2.01 -15.89
CA THR A 161 2.47 3.29 -16.41
C THR A 161 1.64 3.80 -17.59
N ASP A 162 1.50 2.98 -18.63
CA ASP A 162 0.76 3.39 -19.82
C ASP A 162 -0.75 3.52 -19.64
N VAL A 163 -1.35 2.64 -18.84
CA VAL A 163 -2.79 2.70 -18.64
C VAL A 163 -3.20 3.48 -17.40
N LEU A 164 -2.64 3.15 -16.24
CA LEU A 164 -3.00 3.86 -15.00
C LEU A 164 -2.28 5.19 -14.78
N GLY A 165 -1.23 5.45 -15.55
CA GLY A 165 -0.54 6.71 -15.42
C GLY A 165 0.55 6.87 -14.37
N PHE A 166 0.97 5.80 -13.71
CA PHE A 166 2.03 5.90 -12.72
C PHE A 166 3.32 6.29 -13.44
N GLN A 167 4.22 6.94 -12.71
CA GLN A 167 5.50 7.38 -13.27
C GLN A 167 6.66 6.71 -12.55
N LEU A 168 7.68 6.34 -13.31
CA LEU A 168 8.85 5.68 -12.73
C LEU A 168 9.71 6.61 -11.88
N SER A 169 10.09 6.15 -10.69
CA SER A 169 10.96 6.92 -9.83
C SER A 169 12.37 6.39 -10.03
N ASP A 170 12.54 5.08 -9.80
CA ASP A 170 13.84 4.46 -9.99
C ASP A 170 13.74 2.94 -10.02
N VAL A 171 14.88 2.31 -10.26
CA VAL A 171 14.95 0.86 -10.35
C VAL A 171 16.05 0.35 -9.43
N ILE A 172 15.78 -0.77 -8.77
CA ILE A 172 16.78 -1.40 -7.92
C ILE A 172 16.93 -2.83 -8.39
N ASP A 173 18.14 -3.19 -8.82
CA ASP A 173 18.38 -4.54 -9.25
C ASP A 173 18.71 -5.34 -8.00
N MET A 174 17.70 -6.07 -7.54
CA MET A 174 17.78 -6.88 -6.32
C MET A 174 18.54 -8.18 -6.49
N LYS A 175 19.62 -8.34 -5.74
CA LYS A 175 20.42 -9.56 -5.80
C LYS A 175 19.68 -10.63 -5.00
N MET A 176 19.18 -11.65 -5.70
CA MET A 176 18.46 -12.73 -5.05
C MET A 176 19.45 -13.87 -4.76
N GLY A 177 20.45 -13.99 -5.62
CA GLY A 177 21.46 -15.02 -5.47
C GLY A 177 22.59 -14.79 -6.44
N PRO A 178 23.68 -15.59 -6.37
CA PRO A 178 24.82 -15.45 -7.27
C PRO A 178 24.43 -15.35 -8.74
N ASP A 179 23.41 -16.09 -9.14
CA ASP A 179 22.98 -16.07 -10.54
C ASP A 179 21.54 -15.59 -10.69
N VAL A 180 21.06 -14.82 -9.72
CA VAL A 180 19.69 -14.30 -9.76
C VAL A 180 19.61 -12.83 -9.35
N THR A 181 19.27 -11.99 -10.32
CA THR A 181 19.12 -10.56 -10.08
C THR A 181 17.79 -10.17 -10.69
N VAL A 182 16.91 -9.57 -9.88
CA VAL A 182 15.60 -9.17 -10.35
C VAL A 182 15.39 -7.67 -10.18
N PRO A 183 14.92 -6.99 -11.24
CA PRO A 183 14.69 -5.55 -11.12
C PRO A 183 13.39 -5.25 -10.40
N ALA A 184 13.43 -4.28 -9.49
CA ALA A 184 12.25 -3.85 -8.77
C ALA A 184 12.02 -2.43 -9.25
N TYR A 185 10.80 -2.15 -9.70
CA TYR A 185 10.45 -0.82 -10.21
C TYR A 185 9.63 -0.05 -9.18
N PHE A 186 10.04 1.18 -8.90
CA PHE A 186 9.32 2.01 -7.92
C PHE A 186 8.63 3.14 -8.66
N LEU A 187 7.31 3.21 -8.51
CA LEU A 187 6.49 4.19 -9.23
C LEU A 187 5.72 5.16 -8.35
N HIS A 188 5.59 6.41 -8.81
CA HIS A 188 4.86 7.43 -8.04
C HIS A 188 3.66 7.97 -8.81
N CYS A 189 2.71 8.54 -8.08
CA CYS A 189 1.51 9.15 -8.67
C CYS A 189 1.24 10.46 -7.95
N ASN A 190 2.13 10.80 -7.02
CA ASN A 190 2.09 12.04 -6.25
C ASN A 190 3.49 12.26 -5.67
N GLU A 191 3.62 13.09 -4.64
CA GLU A 191 4.92 13.37 -4.06
C GLU A 191 5.60 12.21 -3.34
N ARG A 192 4.83 11.20 -2.93
CA ARG A 192 5.43 10.06 -2.26
C ARG A 192 6.38 9.39 -3.25
N HIS A 193 7.61 9.13 -2.83
CA HIS A 193 8.61 8.52 -3.72
C HIS A 193 8.01 7.36 -4.51
N HIS A 194 7.30 6.47 -3.82
CA HIS A 194 6.59 5.42 -4.52
C HIS A 194 5.32 5.02 -3.78
N THR A 195 4.28 4.79 -4.56
CA THR A 195 2.98 4.37 -4.05
C THR A 195 2.83 2.90 -4.45
N LEU A 196 3.62 2.50 -5.43
CA LEU A 196 3.58 1.13 -5.93
C LEU A 196 4.95 0.71 -6.41
N ALA A 197 5.32 -0.54 -6.12
CA ALA A 197 6.59 -1.10 -6.58
C ALA A 197 6.19 -2.39 -7.29
N ILE A 198 6.96 -2.79 -8.28
CA ILE A 198 6.67 -4.00 -9.04
C ILE A 198 7.94 -4.84 -9.14
N ALA A 199 7.84 -6.14 -8.85
CA ALA A 199 8.99 -7.03 -8.92
C ALA A 199 8.56 -8.48 -9.10
N ALA A 200 9.43 -9.26 -9.75
CA ALA A 200 9.14 -10.68 -9.97
C ALA A 200 9.78 -11.51 -8.86
N PHE A 201 9.22 -11.45 -7.66
CA PHE A 201 9.72 -12.19 -6.52
C PHE A 201 9.04 -13.55 -6.42
N PRO A 202 9.77 -14.57 -5.92
CA PRO A 202 9.20 -15.92 -5.78
C PRO A 202 8.37 -16.05 -4.51
N LEU A 203 7.26 -15.32 -4.46
CA LEU A 203 6.33 -15.33 -3.32
C LEU A 203 4.95 -15.76 -3.79
N PRO A 204 4.24 -16.55 -2.97
CA PRO A 204 2.89 -17.05 -3.28
C PRO A 204 1.78 -16.09 -2.90
N LYS A 205 2.05 -14.80 -3.00
CA LYS A 205 1.05 -13.79 -2.65
C LYS A 205 1.06 -12.69 -3.71
N ARG A 206 0.01 -11.87 -3.69
CA ARG A 206 -0.11 -10.77 -4.64
C ARG A 206 0.87 -9.64 -4.33
N ILE A 207 1.22 -9.50 -3.05
CA ILE A 207 2.16 -8.47 -2.64
C ILE A 207 3.16 -9.01 -1.64
N HIS A 208 4.34 -8.39 -1.60
CA HIS A 208 5.37 -8.79 -0.66
C HIS A 208 5.07 -8.08 0.65
N HIS A 209 4.72 -6.81 0.56
CA HIS A 209 4.39 -6.03 1.74
C HIS A 209 3.63 -4.75 1.40
N PHE A 210 3.02 -4.16 2.41
CA PHE A 210 2.38 -2.86 2.26
C PHE A 210 3.15 -2.02 3.28
N MET A 211 3.16 -0.71 3.11
CA MET A 211 3.93 0.15 3.99
C MET A 211 3.09 1.30 4.54
N LEU A 212 3.32 1.61 5.82
CA LEU A 212 2.65 2.72 6.49
C LEU A 212 3.75 3.62 7.03
N GLU A 213 3.59 4.92 6.85
CA GLU A 213 4.60 5.87 7.32
C GLU A 213 4.11 6.65 8.53
N VAL A 214 4.98 6.80 9.52
CA VAL A 214 4.64 7.53 10.74
C VAL A 214 5.40 8.84 10.86
N ALA A 215 4.98 9.67 11.81
CA ALA A 215 5.55 11.00 11.98
C ALA A 215 6.86 11.19 12.74
N SER A 216 7.26 10.22 13.56
CA SER A 216 8.49 10.34 14.32
C SER A 216 9.33 9.07 14.30
N LEU A 217 10.63 9.22 14.56
CA LEU A 217 11.51 8.07 14.63
C LEU A 217 11.07 7.21 15.80
N ASP A 218 10.66 7.83 16.90
CA ASP A 218 10.20 7.08 18.06
C ASP A 218 8.99 6.21 17.74
N ASP A 219 8.11 6.68 16.86
CA ASP A 219 6.95 5.87 16.49
C ASP A 219 7.44 4.54 15.93
N VAL A 220 8.48 4.60 15.10
CA VAL A 220 9.05 3.41 14.49
C VAL A 220 9.79 2.57 15.54
N GLY A 221 10.59 3.23 16.38
CA GLY A 221 11.35 2.53 17.41
C GLY A 221 10.48 1.75 18.39
N PHE A 222 9.41 2.38 18.87
CA PHE A 222 8.51 1.73 19.81
C PHE A 222 7.78 0.57 19.14
N ALA A 223 7.33 0.78 17.89
CA ALA A 223 6.60 -0.25 17.16
C ALA A 223 7.50 -1.46 16.95
N PHE A 224 8.77 -1.20 16.64
CA PHE A 224 9.73 -2.29 16.43
C PHE A 224 9.72 -3.21 17.65
N ASP A 225 9.83 -2.62 18.83
CA ASP A 225 9.86 -3.40 20.07
C ASP A 225 8.56 -4.15 20.34
N ARG A 226 7.41 -3.56 20.00
CA ARG A 226 6.14 -4.23 20.23
C ARG A 226 6.04 -5.46 19.34
N VAL A 227 6.56 -5.35 18.12
CA VAL A 227 6.54 -6.45 17.16
C VAL A 227 7.59 -7.50 17.50
N ASP A 228 8.76 -7.04 17.93
CA ASP A 228 9.87 -7.92 18.28
C ASP A 228 9.53 -8.79 19.48
N ALA A 229 8.70 -8.29 20.38
CA ALA A 229 8.31 -9.05 21.56
C ALA A 229 7.63 -10.36 21.18
N ASP A 230 6.97 -10.38 20.03
CA ASP A 230 6.28 -11.58 19.55
C ASP A 230 7.08 -12.32 18.48
N GLY A 231 8.34 -11.90 18.29
CA GLY A 231 9.22 -12.52 17.32
C GLY A 231 8.77 -12.40 15.87
N LEU A 232 8.15 -11.27 15.54
CA LEU A 232 7.63 -11.06 14.19
C LEU A 232 8.49 -10.18 13.27
N ILE A 233 9.61 -9.68 13.77
CA ILE A 233 10.49 -8.84 12.95
C ILE A 233 11.16 -9.67 11.84
N THR A 234 11.18 -9.12 10.62
CA THR A 234 11.80 -9.83 9.50
C THR A 234 13.05 -9.08 9.03
N SER A 235 13.15 -7.80 9.37
CA SER A 235 14.29 -6.98 8.97
C SER A 235 14.56 -5.94 10.05
N THR A 236 15.83 -5.75 10.40
CA THR A 236 16.19 -4.76 11.41
C THR A 236 16.01 -3.35 10.85
N LEU A 237 16.11 -2.36 11.73
CA LEU A 237 15.96 -0.97 11.31
C LEU A 237 17.02 -0.64 10.26
N GLY A 238 16.60 0.08 9.21
CA GLY A 238 17.53 0.48 8.17
C GLY A 238 16.96 1.65 7.39
N ARG A 239 17.74 2.18 6.46
CA ARG A 239 17.28 3.28 5.62
C ARG A 239 17.47 2.89 4.17
N HIS A 240 16.43 3.09 3.36
CA HIS A 240 16.48 2.73 1.95
C HIS A 240 17.34 3.67 1.12
N THR A 241 17.92 3.13 0.06
CA THR A 241 18.76 3.90 -0.85
C THR A 241 17.98 4.85 -1.75
N ASN A 242 16.76 4.47 -2.13
CA ASN A 242 15.98 5.30 -3.04
C ASN A 242 15.05 6.34 -2.42
N ASP A 243 14.16 5.94 -1.51
CA ASP A 243 13.29 6.94 -0.90
C ASP A 243 13.83 7.45 0.44
N HIS A 244 14.95 6.89 0.88
CA HIS A 244 15.61 7.27 2.13
C HIS A 244 14.74 7.12 3.37
N MET A 245 13.80 6.19 3.32
CA MET A 245 12.93 5.96 4.46
C MET A 245 13.64 5.08 5.47
N VAL A 246 13.46 5.40 6.76
CA VAL A 246 14.03 4.61 7.84
C VAL A 246 12.87 3.71 8.26
N SER A 247 13.07 2.40 8.20
CA SER A 247 11.98 1.49 8.52
C SER A 247 12.45 0.11 8.95
N PHE A 248 11.48 -0.73 9.29
CA PHE A 248 11.74 -2.13 9.61
C PHE A 248 10.60 -2.89 8.97
N TYR A 249 10.76 -4.20 8.83
CA TYR A 249 9.71 -5.04 8.24
C TYR A 249 9.31 -6.09 9.27
N ALA A 250 8.06 -6.53 9.19
CA ALA A 250 7.56 -7.54 10.10
C ALA A 250 6.49 -8.38 9.42
N SER A 251 6.23 -9.55 9.98
CA SER A 251 5.23 -10.46 9.42
C SER A 251 3.82 -10.21 9.96
N THR A 252 2.84 -10.15 9.06
CA THR A 252 1.44 -10.00 9.47
C THR A 252 0.99 -11.45 9.70
N PRO A 253 -0.23 -11.64 10.20
CA PRO A 253 -0.71 -13.01 10.44
C PRO A 253 -0.89 -13.81 9.15
N SER A 254 -0.86 -13.14 8.00
CA SER A 254 -1.01 -13.80 6.71
C SER A 254 0.30 -14.13 6.01
N GLY A 255 1.43 -13.82 6.66
CA GLY A 255 2.71 -14.10 6.04
C GLY A 255 3.18 -12.87 5.29
N VAL A 256 2.26 -12.23 4.59
CA VAL A 256 2.59 -11.01 3.85
C VAL A 256 3.20 -10.07 4.89
N GLU A 257 4.20 -9.30 4.49
CA GLU A 257 4.85 -8.41 5.44
C GLU A 257 4.30 -6.98 5.45
N VAL A 258 4.72 -6.22 6.44
CA VAL A 258 4.35 -4.82 6.56
C VAL A 258 5.64 -4.07 6.83
N GLU A 259 5.78 -2.90 6.20
CA GLU A 259 6.95 -2.07 6.42
C GLU A 259 6.41 -0.87 7.19
N TYR A 260 7.16 -0.43 8.20
CA TYR A 260 6.75 0.66 9.07
C TYR A 260 7.91 1.65 9.07
N GLY A 261 7.71 2.83 8.47
CA GLY A 261 8.81 3.76 8.39
C GLY A 261 8.59 5.24 8.65
N TRP A 262 9.69 5.97 8.58
CA TRP A 262 9.71 7.40 8.86
C TRP A 262 10.77 8.16 8.08
N SER A 263 10.48 9.43 7.79
CA SER A 263 11.42 10.35 7.13
C SER A 263 11.84 10.16 5.68
N ALA A 264 10.98 9.59 4.84
CA ALA A 264 11.32 9.40 3.44
C ALA A 264 11.36 10.75 2.71
N ARG A 265 12.16 10.82 1.65
CA ARG A 265 12.23 12.04 0.85
C ARG A 265 11.12 11.92 -0.19
N THR A 266 10.70 13.05 -0.75
CA THR A 266 9.65 13.05 -1.76
C THR A 266 10.21 13.35 -3.14
N VAL A 267 9.37 13.25 -4.16
CA VAL A 267 9.79 13.51 -5.53
C VAL A 267 9.01 14.69 -6.11
N ASP A 268 9.58 15.32 -7.13
CA ASP A 268 8.97 16.47 -7.78
C ASP A 268 9.15 16.33 -9.30
N ARG A 269 8.67 17.33 -10.05
CA ARG A 269 8.78 17.32 -11.49
C ARG A 269 10.22 17.43 -11.98
N SER A 270 11.14 17.73 -11.07
CA SER A 270 12.56 17.86 -11.40
C SER A 270 13.32 16.55 -11.19
N TRP A 271 12.61 15.54 -10.70
CA TRP A 271 13.19 14.23 -10.44
C TRP A 271 13.69 13.55 -11.71
N VAL A 272 14.82 12.84 -11.61
CA VAL A 272 15.34 12.10 -12.75
C VAL A 272 15.46 10.64 -12.34
N VAL A 273 15.15 9.74 -13.27
CA VAL A 273 15.20 8.30 -13.01
C VAL A 273 16.65 7.84 -12.84
N VAL A 274 16.88 6.98 -11.86
CA VAL A 274 18.20 6.43 -11.60
C VAL A 274 18.08 4.94 -11.29
N ARG A 275 19.21 4.29 -11.05
CA ARG A 275 19.22 2.86 -10.72
C ARG A 275 20.09 2.63 -9.49
N HIS A 276 19.83 1.53 -8.80
CA HIS A 276 20.57 1.17 -7.59
C HIS A 276 20.87 -0.32 -7.66
N ASP A 277 21.91 -0.74 -6.94
CA ASP A 277 22.27 -2.15 -6.87
C ASP A 277 22.00 -2.72 -5.48
N SER A 278 21.51 -1.86 -4.59
CA SER A 278 21.19 -2.26 -3.24
C SER A 278 19.94 -1.51 -2.79
N PRO A 279 19.08 -2.16 -1.99
CA PRO A 279 17.86 -1.50 -1.53
C PRO A 279 18.05 -0.72 -0.22
N SER A 280 19.17 -0.95 0.46
CA SER A 280 19.41 -0.28 1.74
C SER A 280 20.79 0.36 1.91
N MET A 281 20.80 1.59 2.41
CA MET A 281 22.05 2.31 2.67
C MET A 281 22.72 1.66 3.87
N TRP A 282 21.91 1.38 4.90
CA TRP A 282 22.40 0.73 6.09
C TRP A 282 21.25 -0.02 6.76
N GLY A 283 21.60 -0.99 7.59
CA GLY A 283 20.58 -1.77 8.28
C GLY A 283 19.76 -2.68 7.39
N HIS A 284 18.53 -2.94 7.81
CA HIS A 284 17.61 -3.81 7.08
C HIS A 284 18.23 -5.20 6.93
N LYS A 285 18.82 -5.67 8.02
CA LYS A 285 19.43 -6.99 8.04
C LYS A 285 18.32 -8.02 8.18
N SER A 286 18.38 -9.09 7.38
CA SER A 286 17.38 -10.13 7.44
C SER A 286 17.54 -10.93 8.72
N VAL A 287 16.46 -11.03 9.50
CA VAL A 287 16.51 -11.79 10.75
C VAL A 287 15.32 -12.73 10.89
#